data_7OQT
#
_entry.id   7OQT
#
loop_
_entity.id
_entity.type
_entity.pdbx_description
1 polymer "DNA (5'-D(*GP*GP*CP*TP*TP*AP*GP*GP*CP*TP*TP*AP*GP*GP*CP*TP*TP*AP*GP*G)-3')"
2 non-polymer 'POTASSIUM ION'
#
_entity_poly.entity_id   1
_entity_poly.type   'polydeoxyribonucleotide'
_entity_poly.pdbx_seq_one_letter_code
;(DG)(DG)(DC)(DT)(DT)(DA)(DG)(DG)(DC)(DT)(DT)(DA)(DG)(DG)(DC)(DT)(DT)(DA)(DG)(DG)
;
_entity_poly.pdbx_strand_id   A
#